data_5CR1
#
_entry.id   5CR1
#
_cell.length_a   42.536
_cell.length_b   85.633
_cell.length_c   63.826
_cell.angle_alpha   90.00
_cell.angle_beta   90.00
_cell.angle_gamma   90.00
#
_symmetry.space_group_name_H-M   'P 21 21 2'
#
loop_
_entity.id
_entity.type
_entity.pdbx_description
1 polymer Transthyretin
2 non-polymer "3,5,3',5'-TETRAIODO-L-THYRONINE"
3 non-polymer RESVERATROL
4 water water
#
_entity_poly.entity_id   1
_entity_poly.type   'polypeptide(L)'
_entity_poly.pdbx_seq_one_letter_code
;CPLMVKVLDAVRGSPAINVAVHVFRKAADDTWEPFASGKTSESGELHGLTTEEEFVEGIYKVEIDTKSYWKALGSSPFHE
HAEVVFTANDSGPRRYTIAALLSPYSYSTTAVVTNP
;
_entity_poly.pdbx_strand_id   A,B
#
# COMPACT_ATOMS: atom_id res chain seq x y z
N CYS A 1 16.48 -17.34 4.36
CA CYS A 1 15.18 -16.69 4.41
C CYS A 1 15.25 -15.34 3.68
N PRO A 2 14.88 -15.31 2.40
CA PRO A 2 15.04 -14.07 1.63
C PRO A 2 13.90 -13.07 1.68
N LEU A 3 12.78 -13.44 2.29
CA LEU A 3 11.63 -12.55 2.44
C LEU A 3 11.04 -12.71 3.80
N MET A 4 11.04 -11.63 4.57
CA MET A 4 10.55 -11.59 5.92
C MET A 4 9.58 -10.43 6.07
N VAL A 5 8.55 -10.57 6.90
CA VAL A 5 7.60 -9.48 7.10
C VAL A 5 7.50 -9.23 8.61
N LYS A 6 7.59 -7.96 9.00
CA LYS A 6 7.51 -7.54 10.40
C LYS A 6 6.41 -6.51 10.56
N VAL A 7 5.52 -6.70 11.53
CA VAL A 7 4.40 -5.79 11.68
C VAL A 7 4.27 -5.35 13.14
N LEU A 8 4.15 -4.03 13.33
CA LEU A 8 3.96 -3.39 14.63
C LEU A 8 2.59 -2.72 14.74
N ASP A 9 2.08 -2.65 15.96
CA ASP A 9 0.82 -1.99 16.28
C ASP A 9 1.11 -0.66 16.99
N ALA A 10 0.72 0.45 16.36
CA ALA A 10 1.01 1.79 16.84
C ALA A 10 0.05 2.27 17.94
N VAL A 11 -1.03 1.51 18.17
CA VAL A 11 -2.00 1.84 19.22
C VAL A 11 -1.57 1.26 20.56
N ARG A 12 -1.08 0.02 20.51
CA ARG A 12 -0.66 -0.72 21.70
C ARG A 12 0.82 -0.57 22.02
N GLY A 13 1.62 -0.20 21.03
CA GLY A 13 3.06 -0.23 21.21
C GLY A 13 3.58 -1.64 21.39
N SER A 14 3.24 -2.52 20.46
CA SER A 14 3.52 -3.92 20.55
C SER A 14 3.68 -4.50 19.16
N PRO A 15 4.27 -5.68 19.08
CA PRO A 15 4.14 -6.44 17.82
C PRO A 15 2.68 -6.64 17.48
N ALA A 16 2.39 -6.66 16.18
CA ALA A 16 1.07 -7.04 15.68
C ALA A 16 1.09 -8.55 15.42
N ILE A 17 0.42 -9.28 16.31
CA ILE A 17 0.48 -10.72 16.29
C ILE A 17 -0.68 -11.28 15.47
N ASN A 18 -0.45 -12.43 14.86
CA ASN A 18 -1.50 -13.14 14.11
C ASN A 18 -2.06 -12.32 12.95
N VAL A 19 -1.19 -11.54 12.30
CA VAL A 19 -1.55 -10.80 11.10
C VAL A 19 -1.38 -11.73 9.91
N ALA A 20 -2.45 -11.98 9.15
CA ALA A 20 -2.31 -12.76 7.92
C ALA A 20 -1.62 -11.94 6.81
N VAL A 21 -0.76 -12.63 6.07
CA VAL A 21 0.00 -12.06 4.97
C VAL A 21 -0.06 -12.98 3.75
N HIS A 22 -0.44 -12.43 2.60
CA HIS A 22 -0.47 -13.17 1.35
C HIS A 22 0.49 -12.54 0.36
N VAL A 23 1.35 -13.33 -0.21
CA VAL A 23 2.30 -12.86 -1.20
C VAL A 23 1.88 -13.37 -2.57
N PHE A 24 1.90 -12.48 -3.56
CA PHE A 24 1.60 -12.83 -4.94
C PHE A 24 2.78 -12.45 -5.83
N ARG A 25 2.87 -13.09 -6.99
CA ARG A 25 3.90 -12.79 -7.97
C ARG A 25 3.23 -12.60 -9.32
N LYS A 26 3.61 -11.58 -10.06
CA LYS A 26 2.97 -11.32 -11.35
C LYS A 26 3.39 -12.37 -12.38
N ALA A 27 2.42 -13.05 -12.96
CA ALA A 27 2.65 -14.12 -13.92
C ALA A 27 2.89 -13.57 -15.32
N ALA A 28 3.23 -14.47 -16.24
CA ALA A 28 3.51 -14.13 -17.63
C ALA A 28 2.32 -13.41 -18.28
N ASP A 29 1.12 -13.77 -17.87
CA ASP A 29 -0.10 -13.17 -18.42
C ASP A 29 -0.51 -11.91 -17.67
N ASP A 30 0.35 -11.46 -16.76
CA ASP A 30 0.15 -10.24 -15.96
C ASP A 30 -0.99 -10.32 -14.96
N THR A 31 -1.36 -11.53 -14.55
CA THR A 31 -2.23 -11.72 -13.39
C THR A 31 -1.36 -11.97 -12.15
N TRP A 32 -1.97 -11.81 -10.98
CA TRP A 32 -1.32 -12.05 -9.71
C TRP A 32 -1.49 -13.48 -9.23
N GLU A 33 -0.41 -14.24 -9.33
CA GLU A 33 -0.45 -15.63 -8.95
C GLU A 33 -0.07 -15.78 -7.47
N PRO A 34 -0.84 -16.59 -6.72
CA PRO A 34 -0.47 -16.80 -5.32
C PRO A 34 0.90 -17.43 -5.20
N PHE A 35 1.71 -16.86 -4.31
CA PHE A 35 3.12 -17.27 -4.18
C PHE A 35 3.45 -17.88 -2.82
N ALA A 36 3.00 -17.23 -1.75
CA ALA A 36 3.25 -17.75 -0.41
C ALA A 36 2.32 -17.04 0.55
N SER A 37 2.06 -17.63 1.70
CA SER A 37 1.30 -16.92 2.74
C SER A 37 1.66 -17.44 4.12
N GLY A 38 1.30 -16.66 5.13
CA GLY A 38 1.56 -17.03 6.51
C GLY A 38 0.95 -16.01 7.45
N LYS A 39 1.24 -16.14 8.73
CA LYS A 39 0.80 -15.15 9.70
C LYS A 39 1.93 -14.78 10.66
N THR A 40 1.88 -13.56 11.17
CA THR A 40 2.93 -13.12 12.08
C THR A 40 2.83 -13.85 13.42
N SER A 41 4.01 -14.06 13.97
CA SER A 41 4.20 -14.71 15.24
C SER A 41 3.94 -13.77 16.42
N GLU A 42 4.22 -14.26 17.63
CA GLU A 42 4.12 -13.44 18.84
C GLU A 42 5.06 -12.24 18.84
N SER A 43 6.12 -12.32 18.04
CA SER A 43 7.07 -11.23 17.91
C SER A 43 6.71 -10.27 16.76
N GLY A 44 5.56 -10.51 16.14
CA GLY A 44 5.15 -9.74 14.97
C GLY A 44 5.92 -10.05 13.70
N GLU A 45 6.65 -11.16 13.68
CA GLU A 45 7.46 -11.51 12.53
C GLU A 45 6.92 -12.72 11.81
N LEU A 46 7.12 -12.71 10.51
CA LEU A 46 6.73 -13.82 9.65
C LEU A 46 7.95 -14.25 8.87
N HIS A 47 8.43 -15.43 9.24
CA HIS A 47 9.60 -16.07 8.63
C HIS A 47 9.14 -17.28 7.80
N GLY A 48 10.02 -17.77 6.94
CA GLY A 48 9.78 -19.03 6.24
C GLY A 48 8.75 -18.97 5.12
N LEU A 49 8.47 -17.78 4.62
CA LEU A 49 7.55 -17.68 3.49
C LEU A 49 8.05 -18.38 2.25
N THR A 50 9.35 -18.26 1.95
CA THR A 50 9.87 -18.81 0.69
C THR A 50 11.33 -19.24 0.86
N THR A 51 11.94 -19.67 -0.23
CA THR A 51 13.31 -20.17 -0.23
C THR A 51 14.07 -19.37 -1.26
N GLU A 52 15.39 -19.38 -1.15
CA GLU A 52 16.23 -18.73 -2.15
C GLU A 52 15.93 -19.25 -3.56
N GLU A 53 15.73 -20.57 -3.70
CA GLU A 53 15.47 -21.17 -5.01
C GLU A 53 14.15 -20.68 -5.61
N GLU A 54 13.11 -20.63 -4.79
CA GLU A 54 11.78 -20.34 -5.26
C GLU A 54 11.57 -18.84 -5.50
N PHE A 55 12.31 -18.02 -4.74
CA PHE A 55 12.15 -16.56 -4.80
C PHE A 55 12.96 -15.98 -5.95
N VAL A 56 12.46 -16.21 -7.16
CA VAL A 56 13.10 -15.76 -8.38
C VAL A 56 12.81 -14.29 -8.66
N GLU A 57 13.45 -13.74 -9.69
CA GLU A 57 13.10 -12.39 -10.13
C GLU A 57 11.62 -12.31 -10.39
N GLY A 58 11.03 -11.17 -10.13
CA GLY A 58 9.66 -10.93 -10.50
C GLY A 58 9.13 -9.70 -9.82
N ILE A 59 7.88 -9.39 -10.09
CA ILE A 59 7.17 -8.33 -9.38
C ILE A 59 6.29 -9.02 -8.36
N TYR A 60 6.50 -8.67 -7.11
CA TYR A 60 5.81 -9.28 -5.98
C TYR A 60 4.89 -8.31 -5.30
N LYS A 61 3.79 -8.83 -4.78
CA LYS A 61 2.85 -8.07 -3.98
C LYS A 61 2.68 -8.75 -2.64
N VAL A 62 3.01 -8.03 -1.60
CA VAL A 62 2.83 -8.49 -0.23
C VAL A 62 1.60 -7.79 0.31
N GLU A 63 0.55 -8.56 0.56
CA GLU A 63 -0.73 -8.06 1.07
C GLU A 63 -0.81 -8.41 2.52
N ILE A 64 -0.88 -7.37 3.35
CA ILE A 64 -0.96 -7.53 4.79
C ILE A 64 -2.40 -7.30 5.19
N ASP A 65 -3.02 -8.28 5.83
CA ASP A 65 -4.47 -8.24 6.03
C ASP A 65 -4.81 -7.46 7.32
N THR A 66 -4.66 -6.15 7.20
CA THR A 66 -4.85 -5.23 8.31
C THR A 66 -6.31 -5.20 8.78
N LYS A 67 -7.28 -5.26 7.87
CA LYS A 67 -8.67 -5.20 8.30
C LYS A 67 -9.02 -6.39 9.18
N SER A 68 -8.60 -7.58 8.79
CA SER A 68 -8.84 -8.76 9.61
C SER A 68 -8.16 -8.66 10.98
N TYR A 69 -6.94 -8.11 11.01
CA TYR A 69 -6.24 -7.85 12.26
C TYR A 69 -7.05 -7.00 13.22
N TRP A 70 -7.49 -5.83 12.76
CA TRP A 70 -8.20 -4.88 13.60
C TRP A 70 -9.58 -5.42 13.99
N LYS A 71 -10.25 -6.04 13.05
CA LYS A 71 -11.58 -6.59 13.35
C LYS A 71 -11.50 -7.68 14.41
N ALA A 72 -10.45 -8.51 14.34
CA ALA A 72 -10.23 -9.54 15.35
C ALA A 72 -10.00 -8.95 16.74
N LEU A 73 -9.60 -7.67 16.80
CA LEU A 73 -9.41 -6.96 18.06
C LEU A 73 -10.62 -6.10 18.41
N GLY A 74 -11.68 -6.22 17.62
CA GLY A 74 -12.94 -5.53 17.92
C GLY A 74 -12.99 -4.08 17.45
N SER A 75 -12.13 -3.74 16.48
CA SER A 75 -11.98 -2.37 15.97
C SER A 75 -12.40 -2.33 14.49
N SER A 76 -13.09 -1.27 14.08
CA SER A 76 -13.46 -1.06 12.67
C SER A 76 -12.44 -0.13 12.00
N PRO A 77 -11.53 -0.69 11.17
CA PRO A 77 -10.49 0.14 10.56
C PRO A 77 -10.90 0.71 9.19
N PHE A 78 -10.03 1.54 8.63
CA PHE A 78 -10.29 2.16 7.35
C PHE A 78 -9.91 1.29 6.15
N HIS A 79 -8.69 0.76 6.13
CA HIS A 79 -8.18 0.09 4.93
C HIS A 79 -8.61 -1.36 4.90
N GLU A 80 -8.65 -1.91 3.69
CA GLU A 80 -8.91 -3.32 3.53
C GLU A 80 -7.65 -4.10 3.85
N HIS A 81 -6.52 -3.67 3.31
CA HIS A 81 -5.26 -4.30 3.60
C HIS A 81 -4.19 -3.29 3.26
N ALA A 82 -2.94 -3.62 3.54
CA ALA A 82 -1.81 -2.83 3.09
C ALA A 82 -1.14 -3.65 2.04
N GLU A 83 -0.87 -3.04 0.89
CA GLU A 83 -0.24 -3.70 -0.24
C GLU A 83 1.15 -3.13 -0.42
N VAL A 84 2.12 -4.01 -0.63
CA VAL A 84 3.47 -3.59 -0.86
C VAL A 84 3.93 -4.26 -2.15
N VAL A 85 4.15 -3.48 -3.20
CA VAL A 85 4.41 -4.03 -4.54
C VAL A 85 5.79 -3.58 -5.00
N PHE A 86 6.62 -4.53 -5.38
CA PHE A 86 8.01 -4.26 -5.72
C PHE A 86 8.61 -5.31 -6.63
N THR A 87 9.59 -4.87 -7.40
CA THR A 87 10.41 -5.77 -8.18
C THR A 87 11.51 -6.32 -7.29
N ALA A 88 11.70 -7.63 -7.32
CA ALA A 88 12.71 -8.31 -6.51
C ALA A 88 13.75 -9.01 -7.35
N ASN A 89 14.98 -8.98 -6.84
CA ASN A 89 16.10 -9.77 -7.32
C ASN A 89 16.55 -9.42 -8.72
N ASP A 90 16.26 -8.21 -9.17
CA ASP A 90 16.62 -7.78 -10.52
C ASP A 90 18.14 -7.59 -10.72
N SER A 91 18.87 -7.39 -9.62
CA SER A 91 20.34 -7.32 -9.65
C SER A 91 20.98 -8.51 -8.96
N GLY A 92 20.27 -9.63 -8.93
CA GLY A 92 20.72 -10.80 -8.22
C GLY A 92 19.98 -10.94 -6.91
N PRO A 93 20.18 -12.07 -6.22
CA PRO A 93 19.44 -12.34 -4.99
C PRO A 93 19.71 -11.31 -3.89
N ARG A 94 18.64 -10.84 -3.28
CA ARG A 94 18.70 -10.00 -2.11
C ARG A 94 17.79 -10.54 -1.03
N ARG A 95 18.01 -10.06 0.19
CA ARG A 95 17.11 -10.36 1.31
C ARG A 95 16.25 -9.14 1.58
N TYR A 96 14.95 -9.37 1.68
CA TYR A 96 13.98 -8.31 1.86
C TYR A 96 13.26 -8.45 3.18
N THR A 97 13.27 -7.39 3.99
CA THR A 97 12.35 -7.27 5.12
C THR A 97 11.35 -6.20 4.78
N ILE A 98 10.08 -6.56 4.81
CA ILE A 98 8.98 -5.63 4.62
C ILE A 98 8.40 -5.36 6.02
N ALA A 99 8.49 -4.10 6.47
CA ALA A 99 8.02 -3.73 7.80
C ALA A 99 6.80 -2.86 7.62
N ALA A 100 5.87 -2.98 8.54
CA ALA A 100 4.68 -2.15 8.50
C ALA A 100 4.26 -1.79 9.91
N LEU A 101 3.85 -0.54 10.08
CA LEU A 101 3.40 0.00 11.33
C LEU A 101 1.93 0.40 11.19
N LEU A 102 1.05 -0.22 11.97
CA LEU A 102 -0.40 -0.11 11.77
C LEU A 102 -1.12 0.75 12.80
N SER A 103 -2.01 1.61 12.30
CA SER A 103 -3.01 2.31 13.09
C SER A 103 -4.38 2.07 12.42
N PRO A 104 -5.48 2.35 13.12
CA PRO A 104 -6.76 2.01 12.50
C PRO A 104 -7.04 2.76 11.19
N TYR A 105 -6.57 4.01 11.04
CA TYR A 105 -6.83 4.78 9.80
C TYR A 105 -5.55 5.13 9.04
N SER A 106 -4.46 4.43 9.34
CA SER A 106 -3.16 4.78 8.77
C SER A 106 -2.21 3.61 8.83
N TYR A 107 -1.27 3.55 7.89
CA TYR A 107 -0.10 2.68 8.06
C TYR A 107 1.10 3.24 7.33
N SER A 108 2.27 2.81 7.80
CA SER A 108 3.53 3.10 7.17
CA SER A 108 3.56 3.10 7.21
C SER A 108 4.17 1.77 6.83
N THR A 109 4.92 1.75 5.74
CA THR A 109 5.67 0.58 5.38
C THR A 109 7.02 0.98 4.88
N THR A 110 8.02 0.17 5.18
CA THR A 110 9.37 0.41 4.68
C THR A 110 9.98 -0.94 4.30
N ALA A 111 11.00 -0.89 3.45
CA ALA A 111 11.74 -2.07 3.04
C ALA A 111 13.17 -1.95 3.48
N VAL A 112 13.70 -3.04 4.04
CA VAL A 112 15.12 -3.17 4.33
C VAL A 112 15.66 -4.24 3.40
N VAL A 113 16.55 -3.83 2.50
CA VAL A 113 17.08 -4.71 1.46
C VAL A 113 18.56 -4.87 1.68
N THR A 114 18.99 -6.12 1.84
CA THR A 114 20.39 -6.42 2.12
C THR A 114 20.99 -7.47 1.19
N ASN A 115 22.32 -7.57 1.41
CA ASN A 115 23.49 -8.07 0.63
C ASN A 115 23.42 -7.98 -0.89
N PRO A 116 24.34 -8.67 -1.62
CA PRO A 116 25.02 -8.06 -2.78
C PRO A 116 24.44 -6.74 -3.30
N CYS B 1 -16.92 17.34 -3.80
CA CYS B 1 -15.62 16.71 -3.77
C CYS B 1 -15.55 15.69 -2.63
N PRO B 2 -16.10 14.48 -2.84
CA PRO B 2 -16.07 13.46 -1.80
C PRO B 2 -14.73 12.72 -1.66
N LEU B 3 -13.84 12.87 -2.62
CA LEU B 3 -12.58 12.15 -2.62
C LEU B 3 -11.47 13.07 -3.09
N MET B 4 -10.45 13.23 -2.26
CA MET B 4 -9.31 14.05 -2.57
C MET B 4 -8.03 13.27 -2.25
N VAL B 5 -6.97 13.47 -3.03
CA VAL B 5 -5.70 12.78 -2.79
C VAL B 5 -4.61 13.83 -2.62
N LYS B 6 -3.78 13.68 -1.58
CA LYS B 6 -2.69 14.60 -1.29
C LYS B 6 -1.41 13.81 -1.14
N VAL B 7 -0.35 14.27 -1.80
CA VAL B 7 0.89 13.51 -1.83
C VAL B 7 2.06 14.43 -1.52
N LEU B 8 2.89 13.98 -0.57
CA LEU B 8 4.06 14.74 -0.11
C LEU B 8 5.35 13.96 -0.33
N ASP B 9 6.45 14.70 -0.45
CA ASP B 9 7.77 14.16 -0.71
C ASP B 9 8.65 14.39 0.52
N ALA B 10 9.04 13.29 1.16
CA ALA B 10 9.81 13.32 2.39
C ALA B 10 11.30 13.53 2.16
N VAL B 11 11.77 13.46 0.91
CA VAL B 11 13.19 13.69 0.61
C VAL B 11 13.46 15.17 0.38
N ARG B 12 12.58 15.83 -0.36
CA ARG B 12 12.77 17.24 -0.66
C ARG B 12 11.97 18.16 0.29
N GLY B 13 11.02 17.61 1.04
CA GLY B 13 10.22 18.44 1.92
C GLY B 13 9.28 19.34 1.14
N SER B 14 8.52 18.72 0.25
CA SER B 14 7.70 19.45 -0.71
C SER B 14 6.46 18.65 -1.07
N PRO B 15 5.47 19.33 -1.65
CA PRO B 15 4.44 18.52 -2.30
C PRO B 15 5.06 17.64 -3.38
N ALA B 16 4.41 16.52 -3.67
CA ALA B 16 4.81 15.64 -4.76
C ALA B 16 3.99 16.02 -5.98
N ILE B 17 4.65 16.71 -6.89
CA ILE B 17 4.02 17.33 -8.04
C ILE B 17 4.03 16.44 -9.27
N ASN B 18 2.91 16.46 -9.99
CA ASN B 18 2.77 15.73 -11.24
C ASN B 18 2.92 14.22 -11.06
N VAL B 19 2.43 13.73 -9.93
CA VAL B 19 2.29 12.29 -9.69
C VAL B 19 1.00 11.76 -10.28
N ALA B 20 1.08 10.70 -11.09
CA ALA B 20 -0.13 10.06 -11.61
C ALA B 20 -0.82 9.26 -10.53
N VAL B 21 -2.14 9.39 -10.48
CA VAL B 21 -2.99 8.72 -9.51
C VAL B 21 -4.16 8.11 -10.25
N HIS B 22 -4.38 6.81 -10.04
CA HIS B 22 -5.50 6.08 -10.64
C HIS B 22 -6.37 5.49 -9.57
N VAL B 23 -7.66 5.73 -9.66
CA VAL B 23 -8.63 5.16 -8.75
C VAL B 23 -9.46 4.12 -9.47
N PHE B 24 -9.66 3.01 -8.79
CA PHE B 24 -10.44 1.89 -9.30
C PHE B 24 -11.54 1.52 -8.31
N ARG B 25 -12.63 0.95 -8.82
CA ARG B 25 -13.71 0.43 -8.00
C ARG B 25 -13.78 -1.05 -8.21
N LYS B 26 -13.98 -1.80 -7.13
CA LYS B 26 -14.04 -3.25 -7.22
C LYS B 26 -15.39 -3.68 -7.79
N ALA B 27 -15.33 -4.45 -8.87
CA ALA B 27 -16.53 -4.91 -9.55
C ALA B 27 -17.05 -6.19 -8.93
N ALA B 28 -18.23 -6.62 -9.36
CA ALA B 28 -18.90 -7.80 -8.83
C ALA B 28 -18.04 -9.05 -8.92
N ASP B 29 -17.27 -9.15 -10.00
CA ASP B 29 -16.41 -10.31 -10.22
C ASP B 29 -14.99 -10.16 -9.67
N ASP B 30 -14.82 -9.27 -8.68
CA ASP B 30 -13.54 -9.03 -8.01
C ASP B 30 -12.43 -8.42 -8.87
N THR B 31 -12.74 -7.97 -10.08
CA THR B 31 -11.78 -7.21 -10.88
C THR B 31 -11.84 -5.73 -10.51
N TRP B 32 -10.82 -4.97 -10.91
CA TRP B 32 -10.72 -3.54 -10.62
C TRP B 32 -11.09 -2.72 -11.84
N GLU B 33 -12.20 -2.01 -11.75
CA GLU B 33 -12.71 -1.21 -12.87
C GLU B 33 -12.19 0.22 -12.72
N PRO B 34 -11.56 0.77 -13.77
CA PRO B 34 -11.19 2.19 -13.71
C PRO B 34 -12.36 3.06 -13.31
N PHE B 35 -12.07 4.04 -12.46
CA PHE B 35 -13.08 4.89 -11.89
C PHE B 35 -12.78 6.39 -12.11
N ALA B 36 -11.54 6.78 -11.84
CA ALA B 36 -11.12 8.16 -11.98
C ALA B 36 -9.61 8.21 -11.97
N SER B 37 -9.03 9.27 -12.53
CA SER B 37 -7.58 9.44 -12.45
C SER B 37 -7.17 10.88 -12.70
N GLY B 38 -5.91 11.17 -12.42
CA GLY B 38 -5.39 12.51 -12.65
C GLY B 38 -3.93 12.58 -12.25
N LYS B 39 -3.41 13.82 -12.26
CA LYS B 39 -2.04 14.07 -11.82
C LYS B 39 -2.08 15.11 -10.73
N THR B 40 -1.26 14.92 -9.69
CA THR B 40 -1.26 15.91 -8.64
C THR B 40 -0.76 17.27 -9.14
N SER B 41 -1.31 18.29 -8.50
CA SER B 41 -1.05 19.69 -8.80
C SER B 41 0.26 20.15 -8.19
N GLU B 42 0.56 21.41 -8.42
CA GLU B 42 1.72 22.04 -7.77
C GLU B 42 1.67 22.01 -6.25
N SER B 43 0.49 21.82 -5.66
CA SER B 43 0.38 21.72 -4.22
C SER B 43 0.29 20.26 -3.77
N GLY B 44 0.54 19.35 -4.71
CA GLY B 44 0.55 17.93 -4.41
C GLY B 44 -0.84 17.34 -4.25
N GLU B 45 -1.86 18.05 -4.72
CA GLU B 45 -3.25 17.64 -4.52
C GLU B 45 -3.93 17.26 -5.82
N LEU B 46 -4.92 16.39 -5.71
CA LEU B 46 -5.72 16.03 -6.86
C LEU B 46 -7.19 16.09 -6.43
N HIS B 47 -7.84 17.11 -6.96
CA HIS B 47 -9.24 17.41 -6.66
C HIS B 47 -10.07 17.00 -7.86
N GLY B 48 -11.38 16.91 -7.67
CA GLY B 48 -12.30 16.74 -8.77
C GLY B 48 -12.32 15.36 -9.38
N LEU B 49 -11.85 14.36 -8.65
CA LEU B 49 -11.87 12.99 -9.14
C LEU B 49 -13.27 12.45 -9.42
N THR B 50 -14.21 12.73 -8.53
CA THR B 50 -15.53 12.16 -8.68
C THR B 50 -16.58 13.11 -8.10
N THR B 51 -17.83 12.69 -8.16
CA THR B 51 -18.94 13.48 -7.61
C THR B 51 -19.67 12.65 -6.58
N GLU B 52 -20.50 13.31 -5.77
CA GLU B 52 -21.28 12.59 -4.79
C GLU B 52 -22.16 11.52 -5.47
N GLU B 53 -22.76 11.83 -6.61
CA GLU B 53 -23.65 10.88 -7.27
C GLU B 53 -22.89 9.64 -7.75
N GLU B 54 -21.64 9.81 -8.17
CA GLU B 54 -20.90 8.69 -8.72
C GLU B 54 -20.21 7.82 -7.67
N PHE B 55 -19.90 8.41 -6.53
CA PHE B 55 -19.09 7.77 -5.48
C PHE B 55 -19.92 6.96 -4.48
N VAL B 56 -20.42 5.83 -4.94
CA VAL B 56 -21.29 5.00 -4.13
C VAL B 56 -20.46 4.12 -3.20
N GLU B 57 -21.13 3.51 -2.22
CA GLU B 57 -20.46 2.57 -1.32
C GLU B 57 -19.80 1.45 -2.13
N GLY B 58 -18.70 0.97 -1.61
CA GLY B 58 -17.95 -0.08 -2.29
C GLY B 58 -16.50 -0.04 -1.87
N ILE B 59 -15.73 -0.96 -2.43
CA ILE B 59 -14.30 -1.01 -2.22
C ILE B 59 -13.60 -0.28 -3.36
N TYR B 60 -12.68 0.61 -3.00
CA TYR B 60 -11.91 1.41 -3.93
C TYR B 60 -10.44 1.21 -3.74
N LYS B 61 -9.70 1.35 -4.84
CA LYS B 61 -8.24 1.28 -4.81
C LYS B 61 -7.67 2.55 -5.41
N VAL B 62 -6.82 3.23 -4.64
CA VAL B 62 -6.09 4.39 -5.12
C VAL B 62 -4.64 3.97 -5.35
N GLU B 63 -4.21 4.02 -6.62
CA GLU B 63 -2.85 3.64 -7.00
C GLU B 63 -2.09 4.90 -7.32
N ILE B 64 -0.99 5.11 -6.60
CA ILE B 64 -0.15 6.29 -6.79
C ILE B 64 1.14 5.86 -7.49
N ASP B 65 1.46 6.46 -8.64
CA ASP B 65 2.61 5.97 -9.46
C ASP B 65 3.91 6.58 -8.95
N THR B 66 4.31 6.07 -7.80
CA THR B 66 5.50 6.53 -7.11
C THR B 66 6.78 6.22 -7.91
N LYS B 67 6.83 5.09 -8.60
CA LYS B 67 8.07 4.73 -9.30
C LYS B 67 8.42 5.78 -10.34
N SER B 68 7.45 6.20 -11.15
CA SER B 68 7.67 7.23 -12.16
C SER B 68 8.04 8.57 -11.54
N TYR B 69 7.46 8.88 -10.39
CA TYR B 69 7.72 10.13 -9.73
C TYR B 69 9.21 10.17 -9.37
N TRP B 70 9.71 9.13 -8.73
CA TRP B 70 11.09 9.12 -8.29
C TRP B 70 12.05 9.09 -9.47
N LYS B 71 11.73 8.31 -10.48
CA LYS B 71 12.62 8.27 -11.64
C LYS B 71 12.73 9.62 -12.36
N ALA B 72 11.65 10.41 -12.40
CA ALA B 72 11.70 11.72 -13.05
C ALA B 72 12.59 12.70 -12.26
N LEU B 73 12.82 12.39 -10.99
CA LEU B 73 13.69 13.19 -10.14
C LEU B 73 15.12 12.60 -10.08
N GLY B 74 15.33 11.54 -10.82
CA GLY B 74 16.65 10.92 -10.88
C GLY B 74 16.99 10.10 -9.64
N SER B 75 15.97 9.63 -8.94
CA SER B 75 16.17 8.86 -7.72
CA SER B 75 16.14 8.85 -7.71
C SER B 75 15.66 7.43 -7.89
N SER B 76 16.43 6.47 -7.38
CA SER B 76 16.10 5.05 -7.52
C SER B 76 15.12 4.56 -6.43
N PRO B 77 13.93 4.08 -6.84
CA PRO B 77 12.95 3.69 -5.83
C PRO B 77 12.75 2.20 -5.64
N PHE B 78 12.07 1.84 -4.56
CA PHE B 78 11.78 0.45 -4.24
C PHE B 78 10.46 -0.03 -4.81
N HIS B 79 9.39 0.72 -4.57
CA HIS B 79 8.04 0.22 -4.90
C HIS B 79 7.67 0.45 -6.34
N GLU B 80 6.82 -0.42 -6.88
CA GLU B 80 6.25 -0.16 -8.21
C GLU B 80 5.25 1.00 -8.15
N HIS B 81 4.47 1.01 -7.10
CA HIS B 81 3.49 2.05 -6.87
C HIS B 81 3.09 1.92 -5.43
N ALA B 82 2.34 2.91 -4.94
CA ALA B 82 1.70 2.83 -3.65
C ALA B 82 0.22 2.56 -3.86
N GLU B 83 -0.34 1.67 -3.07
CA GLU B 83 -1.74 1.29 -3.19
C GLU B 83 -2.48 1.57 -1.89
N VAL B 84 -3.65 2.19 -1.99
CA VAL B 84 -4.48 2.41 -0.84
C VAL B 84 -5.86 1.82 -1.13
N VAL B 85 -6.26 0.81 -0.35
CA VAL B 85 -7.50 0.07 -0.63
C VAL B 85 -8.41 0.20 0.57
N PHE B 86 -9.65 0.63 0.34
CA PHE B 86 -10.57 0.95 1.42
C PHE B 86 -12.01 0.82 1.01
N THR B 87 -12.89 0.66 1.99
CA THR B 87 -14.33 0.67 1.74
C THR B 87 -14.91 2.07 2.00
N ALA B 88 -15.68 2.58 1.06
CA ALA B 88 -16.45 3.78 1.28
C ALA B 88 -17.76 3.37 1.93
N ASN B 89 -18.06 3.99 3.08
CA ASN B 89 -19.24 3.64 3.87
C ASN B 89 -20.04 4.89 4.13
N ASP B 90 -21.32 4.87 3.79
CA ASP B 90 -22.17 6.05 3.91
C ASP B 90 -22.46 6.39 5.38
N SER B 91 -22.28 5.43 6.27
CA SER B 91 -22.42 5.68 7.71
C SER B 91 -21.37 6.65 8.21
N GLY B 92 -20.16 6.54 7.67
CA GLY B 92 -19.06 7.40 8.10
C GLY B 92 -19.28 8.81 7.59
N PRO B 93 -18.37 9.73 7.94
CA PRO B 93 -18.45 11.09 7.39
C PRO B 93 -18.27 11.06 5.87
N ARG B 94 -18.53 12.18 5.22
CA ARG B 94 -18.83 12.18 3.80
C ARG B 94 -17.66 12.54 2.88
N ARG B 95 -16.62 13.16 3.44
CA ARG B 95 -15.48 13.60 2.62
C ARG B 95 -14.26 12.77 2.99
N TYR B 96 -13.63 12.19 1.97
CA TYR B 96 -12.43 11.36 2.14
C TYR B 96 -11.19 12.06 1.58
N THR B 97 -10.18 12.28 2.42
CA THR B 97 -8.86 12.66 1.94
C THR B 97 -7.91 11.50 2.18
N ILE B 98 -7.29 11.04 1.10
CA ILE B 98 -6.24 10.03 1.14
C ILE B 98 -4.91 10.78 1.03
N ALA B 99 -4.10 10.70 2.07
CA ALA B 99 -2.80 11.38 2.07
C ALA B 99 -1.72 10.35 2.08
N ALA B 100 -0.63 10.65 1.36
CA ALA B 100 0.52 9.78 1.30
C ALA B 100 1.80 10.57 1.35
N LEU B 101 2.75 10.08 2.15
CA LEU B 101 4.05 10.69 2.36
C LEU B 101 5.08 9.73 1.81
N LEU B 102 5.81 10.15 0.78
CA LEU B 102 6.68 9.27 0.01
C LEU B 102 8.19 9.42 0.32
N SER B 103 8.85 8.27 0.49
CA SER B 103 10.30 8.17 0.47
C SER B 103 10.69 7.08 -0.52
N PRO B 104 11.97 7.02 -0.88
CA PRO B 104 12.29 6.04 -1.91
C PRO B 104 12.03 4.58 -1.52
N TYR B 105 12.26 4.21 -0.25
CA TYR B 105 12.05 2.84 0.20
C TYR B 105 10.94 2.72 1.23
N SER B 106 10.08 3.73 1.34
CA SER B 106 9.05 3.75 2.35
C SER B 106 7.93 4.66 1.95
N TYR B 107 6.72 4.37 2.42
CA TYR B 107 5.69 5.39 2.39
C TYR B 107 4.74 5.22 3.54
N SER B 108 4.06 6.31 3.88
N SER B 108 4.08 6.32 3.85
CA SER B 108 3.05 6.28 4.93
CA SER B 108 3.08 6.40 4.91
C SER B 108 1.80 6.93 4.40
C SER B 108 1.79 6.80 4.21
N THR B 109 0.64 6.34 4.72
CA THR B 109 -0.61 6.84 4.21
C THR B 109 -1.61 6.91 5.32
N THR B 110 -2.46 7.92 5.27
CA THR B 110 -3.54 8.06 6.25
C THR B 110 -4.80 8.54 5.55
N ALA B 111 -5.91 8.39 6.23
CA ALA B 111 -7.20 8.80 5.74
C ALA B 111 -7.73 9.84 6.68
N VAL B 112 -8.22 10.93 6.10
CA VAL B 112 -8.87 11.96 6.87
C VAL B 112 -10.28 12.01 6.37
N VAL B 113 -11.21 11.62 7.24
CA VAL B 113 -12.59 11.42 6.87
C VAL B 113 -13.44 12.35 7.71
N THR B 114 -14.07 13.33 7.04
CA THR B 114 -14.76 14.42 7.74
C THR B 114 -16.13 14.77 7.14
N ASN B 115 -16.90 15.54 7.89
CA ASN B 115 -18.13 16.17 7.39
C ASN B 115 -17.98 17.67 7.22
#